data_3BUY
#
_entry.id   3BUY
#
_cell.length_a   55.756
_cell.length_b   55.756
_cell.length_c   278.604
_cell.angle_alpha   90.00
_cell.angle_beta   90.00
_cell.angle_gamma   90.00
#
_symmetry.space_group_name_H-M   'P 43 21 2'
#
loop_
_entity.id
_entity.type
_entity.pdbx_description
1 polymer 'H-2 class I histocompatibility antigen, D-B alpha chain'
2 polymer Beta-2-microglobulin
3 polymer 'epitope of PB1-F2'
4 water water
#
loop_
_entity_poly.entity_id
_entity_poly.type
_entity_poly.pdbx_seq_one_letter_code
_entity_poly.pdbx_strand_id
1 'polypeptide(L)'
;PHSMRYFETAVSRPGLEEPRYISVGYVDNKEFVRFDSDAENPRYEPRAPWMEQEGPEYWERETQKAKGQEQWFRVSLRNL
LGYYNQSAGGSHTLQQMSGCDLGSDWRLLRGYLQFAYEGRDYIALNEDLKTWTAADMAAQITRRKWEQSGAAEHYKAYLE
GECVEWLHRYLKNGNATLLRTDSPKAHVTHHPRSKGEVTLRCWALGFYPADITLTWQLNGEELTQDMELVETRPAGDGTF
QKWASVVVPLGKEQNYTCRVYHEGLPEPLTLRWEP
;
A
2 'polypeptide(L)'
;IQKTPQIQVYSRHPPENGKPNILNCYVTQFHPPHIEIQMLKNGKKIPKVEMSDMSFSKDWSFYILAHTEFTPTETDTYAC
RVKHDSMAEPKTVYWDRDM
;
B
3 'polypeptide(L)' LSLRNPILV C
#
# COMPACT_ATOMS: atom_id res chain seq x y z
N PRO A 1 19.16 2.13 -4.64
CA PRO A 1 18.10 2.84 -5.36
C PRO A 1 17.12 3.53 -4.41
N HIS A 2 16.82 4.80 -4.68
CA HIS A 2 15.92 5.56 -3.82
C HIS A 2 14.81 6.27 -4.60
N SER A 3 13.65 6.43 -3.96
CA SER A 3 12.50 7.01 -4.64
C SER A 3 11.70 7.91 -3.74
N MET A 4 10.98 8.84 -4.35
CA MET A 4 9.95 9.59 -3.66
C MET A 4 8.70 9.54 -4.51
N ARG A 5 7.56 9.28 -3.89
CA ARG A 5 6.28 9.31 -4.59
C ARG A 5 5.23 10.14 -3.86
N TYR A 6 4.32 10.71 -4.64
CA TYR A 6 3.08 11.23 -4.10
C TYR A 6 1.91 10.54 -4.78
N PHE A 7 1.17 9.77 -3.97
CA PHE A 7 -0.06 9.14 -4.40
C PHE A 7 -1.22 10.08 -4.01
N GLU A 8 -2.02 10.49 -4.99
CA GLU A 8 -3.11 11.44 -4.76
C GLU A 8 -4.43 10.85 -5.21
N THR A 9 -5.50 11.14 -4.46
CA THR A 9 -6.83 10.66 -4.81
C THR A 9 -7.91 11.69 -4.45
N ALA A 10 -8.77 11.95 -5.43
CA ALA A 10 -9.97 12.73 -5.20
C ALA A 10 -11.15 11.83 -5.53
N VAL A 11 -12.13 11.79 -4.63
CA VAL A 11 -13.33 10.98 -4.84
C VAL A 11 -14.57 11.86 -4.76
N SER A 12 -15.24 12.03 -5.89
CA SER A 12 -16.54 12.70 -5.89
C SER A 12 -17.53 11.74 -5.24
N ARG A 13 -18.38 12.26 -4.36
CA ARG A 13 -19.35 11.43 -3.64
C ARG A 13 -20.77 11.89 -3.96
N PRO A 14 -21.73 10.94 -3.96
CA PRO A 14 -23.12 11.27 -4.29
C PRO A 14 -23.66 12.42 -3.43
N GLY A 15 -23.93 13.55 -4.08
CA GLY A 15 -24.52 14.71 -3.40
C GLY A 15 -23.56 15.77 -2.94
N LEU A 16 -22.42 15.35 -2.38
CA LEU A 16 -21.37 16.29 -1.97
C LEU A 16 -20.72 16.89 -3.21
N GLU A 17 -20.72 18.22 -3.29
CA GLU A 17 -20.09 18.93 -4.41
C GLU A 17 -18.57 18.82 -4.31
N GLU A 18 -18.06 18.96 -3.09
CA GLU A 18 -16.64 18.74 -2.83
C GLU A 18 -16.26 17.27 -2.93
N PRO A 19 -15.12 16.99 -3.59
CA PRO A 19 -14.55 15.65 -3.52
C PRO A 19 -13.68 15.48 -2.27
N ARG A 20 -13.58 14.26 -1.77
CA ARG A 20 -12.56 13.97 -0.75
C ARG A 20 -11.22 13.90 -1.45
N TYR A 21 -10.24 14.61 -0.92
CA TYR A 21 -8.89 14.60 -1.44
C TYR A 21 -7.91 14.02 -0.43
N ILE A 22 -7.17 13.00 -0.85
CA ILE A 22 -6.19 12.32 -0.01
C ILE A 22 -4.83 12.28 -0.69
N SER A 23 -3.80 12.79 -0.02
CA SER A 23 -2.45 12.79 -0.56
C SER A 23 -1.44 12.17 0.40
N VAL A 24 -0.70 11.19 -0.10
CA VAL A 24 0.28 10.50 0.72
C VAL A 24 1.67 10.60 0.07
N GLY A 25 2.66 10.91 0.90
CA GLY A 25 4.04 11.00 0.44
C GLY A 25 4.82 9.77 0.87
N TYR A 26 5.64 9.27 -0.05
CA TYR A 26 6.47 8.11 0.22
C TYR A 26 7.92 8.40 -0.07
N VAL A 27 8.80 7.93 0.81
CA VAL A 27 10.24 8.01 0.62
C VAL A 27 10.78 6.60 0.80
N ASP A 28 11.24 6.02 -0.31
CA ASP A 28 11.58 4.60 -0.38
C ASP A 28 10.44 3.70 0.14
N ASN A 29 9.22 3.96 -0.36
CA ASN A 29 7.99 3.23 -0.02
C ASN A 29 7.45 3.50 1.37
N LYS A 30 8.21 4.25 2.18
CA LYS A 30 7.77 4.61 3.52
C LYS A 30 6.95 5.89 3.49
N GLU A 31 5.75 5.81 4.05
CA GLU A 31 4.91 6.97 4.24
C GLU A 31 5.58 7.92 5.22
N PHE A 32 5.71 9.17 4.81
CA PHE A 32 6.32 10.20 5.65
C PHE A 32 5.42 11.42 5.84
N VAL A 33 4.57 11.71 4.85
CA VAL A 33 3.57 12.77 4.99
C VAL A 33 2.19 12.32 4.52
N ARG A 34 1.14 12.91 5.10
CA ARG A 34 -0.25 12.58 4.72
C ARG A 34 -1.16 13.79 4.83
N PHE A 35 -2.11 13.86 3.90
CA PHE A 35 -3.16 14.87 3.93
C PHE A 35 -4.49 14.23 3.58
N ASP A 36 -5.45 14.34 4.50
CA ASP A 36 -6.79 13.87 4.26
C ASP A 36 -7.77 15.01 4.50
N SER A 37 -8.52 15.37 3.45
CA SER A 37 -9.51 16.44 3.54
C SER A 37 -10.67 16.10 4.48
N ASP A 38 -10.88 14.80 4.72
CA ASP A 38 -11.93 14.32 5.64
C ASP A 38 -11.60 14.48 7.11
N ALA A 39 -10.36 14.87 7.41
CA ALA A 39 -9.98 15.20 8.79
C ALA A 39 -10.68 16.49 9.22
N GLU A 40 -10.95 16.61 10.51
CA GLU A 40 -11.62 17.78 11.07
C GLU A 40 -10.87 19.10 10.77
N ASN A 41 -9.55 19.00 10.64
CA ASN A 41 -8.70 20.15 10.34
C ASN A 41 -7.65 19.75 9.29
N PRO A 42 -8.05 19.71 8.00
CA PRO A 42 -7.23 19.17 6.92
C PRO A 42 -5.93 19.95 6.72
N ARG A 43 -4.82 19.28 7.03
CA ARG A 43 -3.47 19.84 6.86
C ARG A 43 -2.48 18.68 6.70
N TYR A 44 -1.37 18.94 5.99
CA TYR A 44 -0.31 17.92 5.85
C TYR A 44 0.31 17.64 7.21
N GLU A 45 0.55 16.36 7.48
CA GLU A 45 1.11 15.97 8.77
C GLU A 45 2.23 14.95 8.67
N PRO A 46 3.16 14.98 9.63
CA PRO A 46 4.27 14.03 9.68
C PRO A 46 3.75 12.62 9.89
N ARG A 47 4.37 11.65 9.22
CA ARG A 47 4.01 10.25 9.37
C ARG A 47 5.28 9.42 9.59
N ALA A 48 6.38 10.13 9.87
CA ALA A 48 7.68 9.54 10.14
C ALA A 48 8.46 10.47 11.07
N PRO A 49 9.14 9.90 12.09
CA PRO A 49 9.75 10.71 13.15
C PRO A 49 10.81 11.71 12.69
N TRP A 50 11.32 11.54 11.47
CA TRP A 50 12.36 12.43 10.97
C TRP A 50 11.77 13.69 10.28
N MET A 51 10.47 13.66 10.03
CA MET A 51 9.78 14.81 9.46
C MET A 51 9.62 15.95 10.46
N GLU A 52 9.67 15.61 11.75
CA GLU A 52 9.67 16.59 12.83
C GLU A 52 10.74 17.68 12.64
N GLN A 53 11.77 17.37 11.84
CA GLN A 53 12.85 18.32 11.51
C GLN A 53 12.38 19.53 10.69
N GLU A 54 11.22 19.41 10.05
CA GLU A 54 10.62 20.52 9.32
C GLU A 54 9.84 21.47 10.22
N GLY A 55 9.82 22.74 9.85
CA GLY A 55 9.18 23.79 10.64
C GLY A 55 7.77 24.15 10.17
N PRO A 56 7.08 25.03 10.93
CA PRO A 56 5.70 25.43 10.63
C PRO A 56 5.51 25.96 9.20
N GLU A 57 6.52 26.64 8.66
CA GLU A 57 6.46 27.20 7.31
C GLU A 57 6.37 26.13 6.22
N TYR A 58 7.07 25.02 6.43
CA TYR A 58 7.00 23.87 5.53
C TYR A 58 5.60 23.28 5.54
N TRP A 59 5.04 23.11 6.74
CA TRP A 59 3.72 22.51 6.89
C TRP A 59 2.62 23.47 6.43
N GLU A 60 2.81 24.76 6.69
CA GLU A 60 1.86 25.80 6.27
C GLU A 60 1.71 25.86 4.76
N ARG A 61 2.84 25.82 4.04
CA ARG A 61 2.83 25.92 2.57
C ARG A 61 2.29 24.66 1.90
N GLU A 62 2.70 23.50 2.41
CA GLU A 62 2.24 22.22 1.90
C GLU A 62 0.73 22.12 1.95
N THR A 63 0.17 22.53 3.08
CA THR A 63 -1.27 22.55 3.31
C THR A 63 -1.97 23.46 2.31
N GLN A 64 -1.36 24.60 2.01
CA GLN A 64 -1.92 25.56 1.05
C GLN A 64 -1.87 25.01 -0.37
N LYS A 65 -0.76 24.34 -0.71
CA LYS A 65 -0.61 23.68 -1.99
C LYS A 65 -1.65 22.58 -2.15
N ALA A 66 -2.01 21.95 -1.03
CA ALA A 66 -3.01 20.88 -1.00
C ALA A 66 -4.42 21.40 -1.27
N LYS A 67 -4.77 22.54 -0.67
CA LYS A 67 -6.08 23.15 -0.91
C LYS A 67 -6.20 23.55 -2.38
N GLY A 68 -5.10 24.01 -2.94
CA GLY A 68 -5.01 24.31 -4.37
C GLY A 68 -5.17 23.06 -5.21
N GLN A 69 -4.59 21.95 -4.73
CA GLN A 69 -4.77 20.65 -5.34
C GLN A 69 -6.24 20.22 -5.30
N GLU A 70 -6.87 20.40 -4.14
CA GLU A 70 -8.28 20.04 -3.95
C GLU A 70 -9.17 20.61 -5.04
N GLN A 71 -8.92 21.87 -5.38
CA GLN A 71 -9.67 22.58 -6.41
C GLN A 71 -9.35 22.06 -7.80
N TRP A 72 -8.08 21.70 -8.05
CA TRP A 72 -7.68 21.17 -9.35
C TRP A 72 -8.41 19.86 -9.61
N PHE A 73 -8.38 18.97 -8.62
CA PHE A 73 -9.00 17.65 -8.73
C PHE A 73 -10.51 17.71 -8.95
N ARG A 74 -11.18 18.67 -8.31
CA ARG A 74 -12.61 18.84 -8.42
C ARG A 74 -13.02 19.21 -9.84
N VAL A 75 -12.41 20.27 -10.37
CA VAL A 75 -12.76 20.74 -11.72
C VAL A 75 -12.42 19.67 -12.74
N SER A 76 -11.25 19.04 -12.58
CA SER A 76 -10.84 17.93 -13.45
C SER A 76 -11.90 16.83 -13.47
N LEU A 77 -12.28 16.35 -12.28
CA LEU A 77 -13.38 15.39 -12.13
C LEU A 77 -14.67 15.83 -12.82
N ARG A 78 -14.95 17.13 -12.78
CA ARG A 78 -16.12 17.70 -13.46
C ARG A 78 -15.94 17.65 -14.97
N ASN A 79 -14.77 18.04 -15.44
CA ASN A 79 -14.43 17.99 -16.87
C ASN A 79 -14.40 16.56 -17.40
N LEU A 80 -13.99 15.62 -16.54
CA LEU A 80 -13.93 14.20 -16.90
C LEU A 80 -15.31 13.58 -17.06
N LEU A 81 -16.26 14.06 -16.26
CA LEU A 81 -17.66 13.67 -16.37
C LEU A 81 -18.18 13.88 -17.81
N GLY A 82 -17.95 15.08 -18.34
CA GLY A 82 -18.40 15.43 -19.69
C GLY A 82 -17.74 14.62 -20.80
N TYR A 83 -16.43 14.38 -20.66
CA TYR A 83 -15.66 13.64 -21.68
C TYR A 83 -16.22 12.24 -21.92
N TYR A 84 -16.63 11.58 -20.84
CA TYR A 84 -17.15 10.22 -20.90
C TYR A 84 -18.67 10.21 -20.80
N ASN A 85 -19.28 11.39 -20.94
CA ASN A 85 -20.74 11.54 -20.90
C ASN A 85 -21.37 10.69 -19.81
N GLN A 86 -20.98 10.96 -18.56
CA GLN A 86 -21.51 10.21 -17.43
C GLN A 86 -22.58 11.03 -16.73
N SER A 87 -23.49 10.34 -16.05
CA SER A 87 -24.50 10.99 -15.23
C SER A 87 -23.90 11.48 -13.91
N ALA A 88 -24.38 12.60 -13.41
CA ALA A 88 -23.86 13.18 -12.17
C ALA A 88 -24.61 12.70 -10.93
N GLY A 89 -25.09 11.45 -10.98
CA GLY A 89 -25.80 10.83 -9.85
C GLY A 89 -24.94 9.90 -8.98
N GLY A 90 -23.75 9.53 -9.48
CA GLY A 90 -22.88 8.58 -8.80
C GLY A 90 -21.55 9.13 -8.30
N SER A 91 -20.63 8.23 -7.97
CA SER A 91 -19.29 8.60 -7.50
C SER A 91 -18.20 8.18 -8.46
N HIS A 92 -17.17 9.03 -8.57
CA HIS A 92 -16.05 8.77 -9.46
C HIS A 92 -14.75 9.06 -8.74
N THR A 93 -13.64 8.57 -9.31
CA THR A 93 -12.34 8.69 -8.68
C THR A 93 -11.28 9.15 -9.68
N LEU A 94 -10.45 10.09 -9.24
CA LEU A 94 -9.33 10.59 -10.01
C LEU A 94 -8.06 10.49 -9.18
N GLN A 95 -7.15 9.62 -9.61
CA GLN A 95 -5.92 9.32 -8.90
C GLN A 95 -4.71 9.82 -9.66
N GLN A 96 -3.63 10.11 -8.93
CA GLN A 96 -2.37 10.56 -9.51
C GLN A 96 -1.13 9.98 -8.83
N MET A 97 -0.14 9.57 -9.63
CA MET A 97 1.18 9.18 -9.12
C MET A 97 2.26 10.09 -9.75
N SER A 98 3.09 10.68 -8.90
CA SER A 98 4.22 11.47 -9.37
C SER A 98 5.44 11.31 -8.46
N GLY A 99 6.62 11.34 -9.05
CA GLY A 99 7.84 11.27 -8.26
C GLY A 99 9.09 10.98 -9.07
N CYS A 100 10.16 10.63 -8.37
CA CYS A 100 11.45 10.40 -9.01
C CYS A 100 12.27 9.28 -8.36
N ASP A 101 12.82 8.37 -9.18
CA ASP A 101 13.77 7.37 -8.71
C ASP A 101 15.21 7.87 -8.82
N LEU A 102 16.05 7.44 -7.87
CA LEU A 102 17.47 7.70 -7.93
C LEU A 102 18.20 6.37 -7.98
N GLY A 103 19.22 6.27 -8.83
CA GLY A 103 20.01 5.05 -8.97
C GLY A 103 21.00 4.82 -7.84
N SER A 104 21.89 3.84 -8.03
CA SER A 104 22.98 3.59 -7.08
C SER A 104 23.83 4.85 -6.96
N ASP A 105 24.04 5.50 -8.11
CA ASP A 105 24.58 6.86 -8.17
C ASP A 105 23.41 7.78 -7.82
N TRP A 106 23.49 8.40 -6.64
CA TRP A 106 22.36 9.18 -6.15
C TRP A 106 21.79 10.20 -7.14
N ARG A 107 22.38 10.23 -8.34
CA ARG A 107 21.82 11.00 -9.46
C ARG A 107 20.43 10.47 -9.85
N LEU A 108 19.68 11.33 -10.52
CA LEU A 108 18.37 11.00 -11.04
C LEU A 108 18.42 9.82 -12.01
N LEU A 109 17.43 8.95 -11.92
CA LEU A 109 17.32 7.82 -12.85
C LEU A 109 16.12 7.99 -13.76
N ARG A 110 15.02 8.54 -13.22
CA ARG A 110 13.75 8.58 -13.92
C ARG A 110 12.73 9.49 -13.22
N GLY A 111 11.96 10.20 -14.03
CA GLY A 111 10.81 10.96 -13.55
C GLY A 111 9.52 10.16 -13.75
N TYR A 112 8.55 10.39 -12.86
CA TYR A 112 7.28 9.67 -12.89
C TYR A 112 6.10 10.61 -12.73
N LEU A 113 5.13 10.46 -13.62
CA LEU A 113 3.87 11.18 -13.55
C LEU A 113 2.85 10.45 -14.39
N GLN A 114 1.82 9.94 -13.72
CA GLN A 114 0.75 9.22 -14.40
C GLN A 114 -0.60 9.44 -13.71
N PHE A 115 -1.64 9.57 -14.53
CA PHE A 115 -2.99 9.80 -14.04
C PHE A 115 -3.90 8.61 -14.31
N ALA A 116 -5.06 8.59 -13.65
CA ALA A 116 -6.04 7.53 -13.79
C ALA A 116 -7.45 8.06 -13.58
N TYR A 117 -8.42 7.49 -14.30
CA TYR A 117 -9.84 7.80 -14.10
C TYR A 117 -10.66 6.52 -13.94
N GLU A 118 -11.31 6.38 -12.80
CA GLU A 118 -12.04 5.16 -12.41
C GLU A 118 -11.10 3.96 -12.19
N GLY A 119 -9.87 4.24 -11.75
CA GLY A 119 -8.86 3.22 -11.49
C GLY A 119 -8.24 2.63 -12.75
N ARG A 120 -8.35 3.39 -13.85
CA ARG A 120 -7.84 2.95 -15.15
C ARG A 120 -6.98 4.02 -15.79
N ASP A 121 -5.90 3.59 -16.46
CA ASP A 121 -4.97 4.50 -17.12
C ASP A 121 -5.72 5.60 -17.90
N TYR A 122 -5.32 6.84 -17.69
CA TYR A 122 -5.90 7.97 -18.42
C TYR A 122 -4.85 8.64 -19.28
N ILE A 123 -3.97 9.40 -18.65
CA ILE A 123 -2.86 10.06 -19.32
C ILE A 123 -1.62 9.93 -18.44
N ALA A 124 -0.45 9.84 -19.08
CA ALA A 124 0.80 9.76 -18.36
C ALA A 124 1.90 10.52 -19.07
N LEU A 125 2.84 11.04 -18.29
CA LEU A 125 4.01 11.71 -18.84
C LEU A 125 5.03 10.66 -19.21
N ASN A 126 5.51 10.73 -20.45
CA ASN A 126 6.52 9.80 -20.96
C ASN A 126 7.83 9.99 -20.21
N GLU A 127 8.72 9.00 -20.30
CA GLU A 127 9.98 9.06 -19.56
C GLU A 127 10.84 10.22 -20.03
N ASP A 128 10.68 10.60 -21.30
CA ASP A 128 11.43 11.72 -21.86
C ASP A 128 10.98 13.04 -21.28
N LEU A 129 9.92 12.98 -20.47
CA LEU A 129 9.37 14.14 -19.74
C LEU A 129 8.98 15.28 -20.68
N LYS A 130 8.64 14.92 -21.92
CA LYS A 130 8.31 15.88 -22.97
C LYS A 130 6.98 15.54 -23.64
N THR A 131 6.72 14.24 -23.81
CA THR A 131 5.54 13.77 -24.53
C THR A 131 4.57 13.01 -23.61
N TRP A 132 3.30 12.98 -24.02
CA TRP A 132 2.24 12.39 -23.23
C TRP A 132 1.69 11.12 -23.85
N THR A 133 1.24 10.20 -23.01
CA THR A 133 0.57 8.99 -23.43
C THR A 133 -0.89 9.01 -22.96
N ALA A 134 -1.81 8.99 -23.92
CA ALA A 134 -3.23 8.90 -23.64
C ALA A 134 -3.67 7.43 -23.66
N ALA A 135 -4.74 7.10 -22.95
CA ALA A 135 -5.22 5.72 -22.90
C ALA A 135 -6.45 5.45 -23.78
N ASP A 136 -7.32 6.46 -23.92
CA ASP A 136 -8.52 6.35 -24.74
C ASP A 136 -8.79 7.67 -25.45
N MET A 137 -9.94 7.78 -26.13
CA MET A 137 -10.27 8.98 -26.90
C MET A 137 -10.48 10.22 -26.06
N ALA A 138 -11.06 10.04 -24.89
CA ALA A 138 -11.31 11.13 -23.95
C ALA A 138 -10.01 11.75 -23.47
N ALA A 139 -9.02 10.90 -23.22
CA ALA A 139 -7.71 11.34 -22.76
C ALA A 139 -7.06 12.32 -23.74
N GLN A 140 -7.21 12.05 -25.03
CA GLN A 140 -6.61 12.85 -26.10
C GLN A 140 -6.96 14.35 -26.02
N ILE A 141 -8.09 14.67 -25.41
CA ILE A 141 -8.52 16.08 -25.27
C ILE A 141 -7.63 16.78 -24.26
N THR A 142 -7.26 16.06 -23.20
CA THR A 142 -6.29 16.56 -22.22
C THR A 142 -4.89 16.57 -22.84
N ARG A 143 -4.57 15.55 -23.63
CA ARG A 143 -3.29 15.48 -24.33
C ARG A 143 -3.03 16.73 -25.17
N ARG A 144 -3.94 17.01 -26.10
CA ARG A 144 -3.87 18.19 -26.96
C ARG A 144 -3.91 19.51 -26.21
N LYS A 145 -4.67 19.56 -25.11
CA LYS A 145 -4.74 20.76 -24.29
C LYS A 145 -3.41 20.98 -23.56
N TRP A 146 -2.84 19.89 -23.05
CA TRP A 146 -1.59 19.94 -22.31
C TRP A 146 -0.33 20.19 -23.16
N GLU A 147 -0.25 19.54 -24.33
CA GLU A 147 0.86 19.74 -25.27
C GLU A 147 1.07 21.21 -25.61
N GLN A 148 -0.04 21.91 -25.83
CA GLN A 148 -0.03 23.33 -26.17
C GLN A 148 0.45 24.18 -25.00
N SER A 149 -0.22 24.02 -23.85
CA SER A 149 0.02 24.84 -22.67
C SER A 149 1.44 24.77 -22.08
N GLY A 150 2.25 23.83 -22.55
CA GLY A 150 3.58 23.61 -21.98
C GLY A 150 3.53 22.93 -20.62
N ALA A 151 2.45 22.19 -20.34
CA ALA A 151 2.31 21.52 -19.05
C ALA A 151 3.54 20.67 -18.73
N ALA A 152 3.97 19.85 -19.70
CA ALA A 152 5.11 18.95 -19.53
C ALA A 152 6.36 19.65 -19.03
N GLU A 153 6.61 20.86 -19.55
CA GLU A 153 7.75 21.68 -19.09
C GLU A 153 7.72 21.93 -17.59
N HIS A 154 6.52 22.24 -17.06
CA HIS A 154 6.37 22.49 -15.62
C HIS A 154 6.61 21.23 -14.78
N TYR A 155 6.01 20.10 -15.20
CA TYR A 155 6.19 18.81 -14.52
C TYR A 155 7.63 18.31 -14.57
N LYS A 156 8.32 18.61 -15.67
CA LYS A 156 9.73 18.29 -15.86
C LYS A 156 10.57 19.02 -14.83
N ALA A 157 10.32 20.33 -14.70
CA ALA A 157 11.03 21.19 -13.75
C ALA A 157 10.89 20.73 -12.29
N TYR A 158 9.72 20.21 -11.93
CA TYR A 158 9.53 19.66 -10.60
C TYR A 158 10.21 18.30 -10.43
N LEU A 159 10.08 17.44 -11.44
CA LEU A 159 10.58 16.08 -11.35
C LEU A 159 12.11 16.00 -11.53
N GLU A 160 12.73 17.09 -11.96
CA GLU A 160 14.17 17.12 -12.14
C GLU A 160 14.85 18.06 -11.16
N GLY A 161 14.06 18.88 -10.47
CA GLY A 161 14.60 19.86 -9.54
C GLY A 161 14.16 19.61 -8.11
N GLU A 162 12.94 20.04 -7.80
CA GLU A 162 12.42 19.95 -6.43
C GLU A 162 12.23 18.52 -5.91
N CYS A 163 11.72 17.60 -6.74
CA CYS A 163 11.60 16.19 -6.33
C CYS A 163 12.96 15.68 -5.86
N VAL A 164 13.97 15.80 -6.74
CA VAL A 164 15.33 15.40 -6.43
C VAL A 164 15.81 16.09 -5.15
N GLU A 165 15.77 17.42 -5.14
CA GLU A 165 16.22 18.22 -4.00
C GLU A 165 15.75 17.69 -2.66
N TRP A 166 14.44 17.62 -2.49
CA TRP A 166 13.86 17.30 -1.19
C TRP A 166 14.03 15.82 -0.82
N LEU A 167 14.11 14.96 -1.84
CA LEU A 167 14.40 13.54 -1.62
C LEU A 167 15.81 13.39 -1.04
N HIS A 168 16.77 14.16 -1.56
CA HIS A 168 18.13 14.16 -1.07
C HIS A 168 18.16 14.64 0.36
N ARG A 169 17.33 15.64 0.66
CA ARG A 169 17.18 16.16 2.01
C ARG A 169 16.60 15.08 2.93
N TYR A 170 15.43 14.54 2.54
CA TYR A 170 14.77 13.50 3.32
C TYR A 170 15.67 12.30 3.55
N LEU A 171 16.52 12.00 2.57
CA LEU A 171 17.46 10.90 2.69
C LEU A 171 18.57 11.18 3.70
N LYS A 172 18.95 12.44 3.86
CA LYS A 172 19.97 12.82 4.84
C LYS A 172 19.35 12.84 6.23
N ASN A 173 18.16 13.42 6.31
CA ASN A 173 17.41 13.57 7.55
C ASN A 173 16.86 12.26 8.12
N GLY A 174 16.31 11.42 7.25
CA GLY A 174 15.72 10.16 7.66
C GLY A 174 16.64 8.98 7.44
N ASN A 175 17.92 9.29 7.17
CA ASN A 175 18.98 8.31 7.00
C ASN A 175 18.92 7.19 8.05
N ALA A 176 18.97 7.57 9.33
CA ALA A 176 18.99 6.64 10.45
C ALA A 176 17.80 5.69 10.49
N THR A 177 16.65 6.16 10.02
CA THR A 177 15.45 5.32 9.97
C THR A 177 15.27 4.61 8.63
N LEU A 178 15.49 5.32 7.52
CA LEU A 178 15.31 4.75 6.19
C LEU A 178 16.29 3.66 5.78
N LEU A 179 17.58 3.83 6.10
CA LEU A 179 18.59 2.85 5.73
C LEU A 179 18.78 1.69 6.72
N ARG A 180 17.88 1.61 7.70
CA ARG A 180 17.90 0.54 8.70
C ARG A 180 17.31 -0.76 8.16
N THR A 181 17.75 -1.88 8.71
CA THR A 181 17.05 -3.15 8.48
C THR A 181 16.64 -3.79 9.80
N ASP A 182 15.53 -4.53 9.72
CA ASP A 182 15.18 -5.47 10.74
C ASP A 182 15.13 -6.82 10.04
N SER A 183 16.06 -7.71 10.38
CA SER A 183 16.07 -9.05 9.79
C SER A 183 14.89 -9.87 10.32
N PRO A 184 14.39 -10.83 9.51
CA PRO A 184 13.22 -11.61 9.90
C PRO A 184 13.45 -12.54 11.09
N LYS A 185 12.37 -12.83 11.80
CA LYS A 185 12.38 -13.75 12.93
C LYS A 185 11.61 -15.00 12.49
N ALA A 186 12.23 -15.72 11.56
CA ALA A 186 11.64 -16.91 10.96
C ALA A 186 11.53 -18.09 11.92
N HIS A 187 10.57 -18.97 11.64
CA HIS A 187 10.34 -20.22 12.37
C HIS A 187 9.35 -21.08 11.60
N VAL A 188 9.46 -22.40 11.76
CA VAL A 188 8.60 -23.35 11.04
C VAL A 188 7.58 -23.97 11.99
N THR A 189 6.31 -23.98 11.57
CA THR A 189 5.26 -24.65 12.34
C THR A 189 4.69 -25.86 11.58
N HIS A 190 3.95 -26.69 12.32
CA HIS A 190 3.49 -27.99 11.83
C HIS A 190 2.00 -28.17 12.09
N HIS A 191 1.25 -28.47 11.02
CA HIS A 191 -0.21 -28.64 11.12
C HIS A 191 -0.71 -29.78 10.22
N PRO A 192 -1.84 -30.41 10.59
CA PRO A 192 -2.55 -31.34 9.69
C PRO A 192 -3.06 -30.65 8.40
N ARG A 193 -3.21 -31.45 7.34
CA ARG A 193 -3.74 -30.98 6.06
C ARG A 193 -4.73 -32.00 5.50
N SER A 194 -4.27 -33.22 5.22
CA SER A 194 -5.16 -34.29 4.73
C SER A 194 -4.78 -35.66 5.28
N LYS A 195 -5.48 -36.70 4.81
CA LYS A 195 -5.23 -38.06 5.28
C LYS A 195 -3.82 -38.50 4.92
N GLY A 196 -2.98 -38.67 5.95
CA GLY A 196 -1.58 -39.03 5.78
C GLY A 196 -0.75 -37.95 5.11
N GLU A 197 -1.10 -36.69 5.36
CA GLU A 197 -0.36 -35.55 4.83
C GLU A 197 -0.45 -34.37 5.80
N VAL A 198 0.69 -33.89 6.26
CA VAL A 198 0.74 -32.69 7.08
C VAL A 198 1.17 -31.50 6.24
N THR A 199 1.10 -30.31 6.84
CA THR A 199 1.49 -29.08 6.17
C THR A 199 2.64 -28.41 6.94
N LEU A 200 3.54 -27.74 6.21
CA LEU A 200 4.68 -27.07 6.84
C LEU A 200 4.70 -25.55 6.58
N ARG A 201 4.55 -24.78 7.66
CA ARG A 201 4.51 -23.33 7.56
C ARG A 201 5.85 -22.72 7.89
N CYS A 202 6.43 -22.02 6.93
CA CYS A 202 7.65 -21.26 7.16
C CYS A 202 7.39 -19.76 7.26
N TRP A 203 7.31 -19.29 8.50
CA TRP A 203 7.02 -17.89 8.81
C TRP A 203 8.27 -17.03 8.76
N ALA A 204 8.06 -15.75 8.51
CA ALA A 204 9.11 -14.74 8.58
C ALA A 204 8.41 -13.49 9.10
N LEU A 205 8.81 -13.06 10.28
CA LEU A 205 8.10 -11.97 10.95
C LEU A 205 9.01 -10.77 11.27
N GLY A 206 8.37 -9.63 11.55
CA GLY A 206 9.04 -8.44 12.10
C GLY A 206 10.23 -7.95 11.30
N PHE A 207 10.12 -7.96 9.97
CA PHE A 207 11.25 -7.63 9.11
C PHE A 207 11.07 -6.34 8.30
N TYR A 208 12.17 -5.64 8.09
CA TYR A 208 12.18 -4.39 7.34
C TYR A 208 13.49 -4.32 6.54
N PRO A 209 13.43 -3.89 5.27
CA PRO A 209 12.28 -3.44 4.50
C PRO A 209 11.45 -4.60 3.97
N ALA A 210 10.31 -4.27 3.34
CA ALA A 210 9.30 -5.22 2.90
C ALA A 210 9.82 -6.39 2.06
N ASP A 211 10.91 -6.17 1.31
CA ASP A 211 11.44 -7.17 0.39
C ASP A 211 11.97 -8.37 1.13
N ILE A 212 11.54 -9.55 0.68
CA ILE A 212 11.95 -10.81 1.28
C ILE A 212 11.75 -11.93 0.25
N THR A 213 12.25 -13.11 0.60
CA THR A 213 12.16 -14.27 -0.28
C THR A 213 12.26 -15.52 0.55
N LEU A 214 11.22 -16.35 0.43
CA LEU A 214 11.12 -17.59 1.15
C LEU A 214 11.06 -18.72 0.14
N THR A 215 11.87 -19.75 0.36
CA THR A 215 11.95 -20.89 -0.54
C THR A 215 11.86 -22.19 0.25
N TRP A 216 11.35 -23.23 -0.40
CA TRP A 216 11.25 -24.55 0.18
C TRP A 216 12.02 -25.55 -0.67
N GLN A 217 12.64 -26.52 -0.01
CA GLN A 217 13.54 -27.43 -0.70
C GLN A 217 13.26 -28.89 -0.38
N LEU A 218 13.19 -29.69 -1.44
CA LEU A 218 13.11 -31.13 -1.32
C LEU A 218 14.27 -31.71 -2.12
N ASN A 219 15.11 -32.51 -1.44
CA ASN A 219 16.27 -33.15 -2.04
C ASN A 219 17.16 -32.16 -2.80
N GLY A 220 17.42 -31.02 -2.19
CA GLY A 220 18.25 -29.98 -2.78
C GLY A 220 17.65 -29.32 -4.01
N GLU A 221 16.34 -29.40 -4.15
CA GLU A 221 15.62 -28.79 -5.27
C GLU A 221 14.47 -27.91 -4.77
N GLU A 222 14.43 -26.68 -5.26
CA GLU A 222 13.40 -25.73 -4.89
C GLU A 222 12.03 -26.22 -5.34
N LEU A 223 11.03 -26.05 -4.48
CA LEU A 223 9.68 -26.50 -4.77
C LEU A 223 8.81 -25.31 -5.18
N THR A 224 9.04 -24.83 -6.40
CA THR A 224 8.38 -23.61 -6.89
C THR A 224 6.92 -23.86 -7.28
N GLN A 225 6.68 -24.89 -8.08
CA GLN A 225 5.33 -25.26 -8.53
C GLN A 225 4.46 -25.87 -7.42
N ASP A 226 5.05 -26.10 -6.25
CA ASP A 226 4.32 -26.66 -5.10
C ASP A 226 4.64 -25.87 -3.85
N MET A 227 3.97 -24.72 -3.69
CA MET A 227 4.29 -23.77 -2.62
C MET A 227 3.21 -22.71 -2.49
N GLU A 228 2.53 -22.71 -1.35
CA GLU A 228 1.50 -21.71 -1.04
C GLU A 228 2.12 -20.46 -0.42
N LEU A 229 2.19 -19.39 -1.21
CA LEU A 229 2.90 -18.17 -0.82
C LEU A 229 1.95 -17.00 -0.65
N VAL A 230 1.80 -16.51 0.59
CA VAL A 230 0.99 -15.32 0.83
C VAL A 230 1.76 -14.06 0.49
N GLU A 231 1.01 -13.05 0.06
CA GLU A 231 1.59 -11.74 -0.18
C GLU A 231 2.02 -11.07 1.13
N THR A 232 3.01 -10.19 1.03
CA THR A 232 3.59 -9.50 2.17
C THR A 232 2.60 -8.54 2.81
N ARG A 233 2.56 -8.55 4.13
CA ARG A 233 1.58 -7.80 4.92
C ARG A 233 2.24 -7.00 6.04
N PRO A 234 1.74 -5.77 6.31
CA PRO A 234 2.33 -4.97 7.39
C PRO A 234 1.92 -5.48 8.77
N ALA A 235 2.79 -5.31 9.75
CA ALA A 235 2.49 -5.70 11.13
C ALA A 235 1.75 -4.59 11.87
N GLY A 236 1.81 -3.37 11.35
CA GLY A 236 1.18 -2.21 11.98
C GLY A 236 2.17 -1.41 12.82
N ASP A 237 3.41 -1.91 12.88
CA ASP A 237 4.47 -1.22 13.61
C ASP A 237 5.64 -0.83 12.69
N GLY A 238 5.44 -0.96 11.38
CA GLY A 238 6.46 -0.57 10.42
C GLY A 238 7.25 -1.73 9.86
N THR A 239 7.07 -2.90 10.45
CA THR A 239 7.71 -4.13 9.96
C THR A 239 6.69 -4.92 9.14
N PHE A 240 7.15 -6.05 8.58
CA PHE A 240 6.36 -6.79 7.60
C PHE A 240 6.39 -8.29 7.86
N GLN A 241 5.38 -9.00 7.36
CA GLN A 241 5.29 -10.44 7.54
C GLN A 241 5.08 -11.15 6.22
N LYS A 242 5.53 -12.41 6.16
CA LYS A 242 5.28 -13.32 5.03
C LYS A 242 5.50 -14.76 5.48
N TRP A 243 4.66 -15.67 5.00
CA TRP A 243 4.92 -17.10 5.18
C TRP A 243 4.75 -17.86 3.89
N ALA A 244 5.28 -19.09 3.87
CA ALA A 244 5.20 -19.97 2.72
C ALA A 244 5.03 -21.39 3.22
N SER A 245 4.02 -22.09 2.68
CA SER A 245 3.75 -23.46 3.10
C SER A 245 3.78 -24.45 1.95
N VAL A 246 4.24 -25.66 2.25
CA VAL A 246 4.13 -26.79 1.34
C VAL A 246 3.30 -27.88 2.00
N VAL A 247 2.73 -28.76 1.18
CA VAL A 247 2.07 -29.96 1.70
C VAL A 247 3.05 -31.12 1.57
N VAL A 248 3.40 -31.70 2.71
CA VAL A 248 4.41 -32.77 2.75
C VAL A 248 3.80 -34.10 3.19
N PRO A 249 4.35 -35.23 2.69
CA PRO A 249 3.97 -36.55 3.19
C PRO A 249 4.33 -36.69 4.66
N LEU A 250 3.40 -37.21 5.45
CA LEU A 250 3.58 -37.44 6.88
C LEU A 250 4.79 -38.34 7.12
N GLY A 251 5.53 -38.07 8.19
CA GLY A 251 6.69 -38.89 8.56
C GLY A 251 7.90 -38.67 7.68
N LYS A 252 7.80 -37.72 6.75
CA LYS A 252 8.89 -37.41 5.84
C LYS A 252 9.14 -35.91 5.80
N GLU A 253 8.87 -35.24 6.93
CA GLU A 253 8.99 -33.79 7.05
C GLU A 253 10.44 -33.33 7.10
N GLN A 254 11.26 -34.03 7.89
CA GLN A 254 12.67 -33.68 8.07
C GLN A 254 13.43 -33.53 6.75
N ASN A 255 12.89 -34.16 5.71
CA ASN A 255 13.41 -34.02 4.35
C ASN A 255 13.33 -32.59 3.82
N TYR A 256 12.42 -31.79 4.40
CA TYR A 256 12.14 -30.47 3.88
C TYR A 256 12.82 -29.35 4.69
N THR A 257 13.45 -28.43 3.97
CA THR A 257 14.16 -27.30 4.56
C THR A 257 13.66 -25.96 4.01
N CYS A 258 13.47 -24.99 4.90
CA CYS A 258 13.00 -23.64 4.50
C CYS A 258 14.17 -22.65 4.47
N ARG A 259 14.19 -21.81 3.42
CA ARG A 259 15.22 -20.79 3.28
C ARG A 259 14.66 -19.36 3.22
N VAL A 260 15.35 -18.44 3.89
CA VAL A 260 14.94 -17.05 3.98
C VAL A 260 16.03 -16.13 3.43
N TYR A 261 15.64 -15.18 2.59
CA TYR A 261 16.56 -14.22 2.00
C TYR A 261 16.06 -12.80 2.28
N HIS A 262 16.91 -12.01 2.92
CA HIS A 262 16.60 -10.65 3.30
C HIS A 262 17.87 -9.82 3.26
N GLU A 263 17.75 -8.53 2.96
CA GLU A 263 18.93 -7.66 2.84
C GLU A 263 19.60 -7.34 4.18
N GLY A 264 18.93 -7.69 5.27
CA GLY A 264 19.51 -7.59 6.61
C GLY A 264 20.11 -8.90 7.07
N LEU A 265 20.13 -9.88 6.17
CA LEU A 265 20.59 -11.22 6.47
C LEU A 265 21.82 -11.50 5.61
N PRO A 266 23.04 -11.32 6.17
CA PRO A 266 24.27 -11.50 5.39
C PRO A 266 24.35 -12.92 4.83
N GLU A 267 24.12 -13.91 5.69
CA GLU A 267 23.94 -15.27 5.26
C GLU A 267 22.45 -15.61 5.29
N PRO A 268 21.93 -16.24 4.23
CA PRO A 268 20.51 -16.61 4.23
C PRO A 268 20.26 -17.70 5.26
N LEU A 269 19.08 -17.66 5.88
CA LEU A 269 18.74 -18.62 6.91
C LEU A 269 18.32 -19.96 6.31
N THR A 270 18.48 -21.03 7.08
CA THR A 270 18.00 -22.36 6.70
C THR A 270 17.27 -22.97 7.88
N LEU A 271 16.02 -23.37 7.64
CA LEU A 271 15.14 -23.86 8.70
C LEU A 271 14.49 -25.20 8.33
N ARG A 272 14.15 -25.98 9.36
CA ARG A 272 13.45 -27.25 9.18
C ARG A 272 12.53 -27.45 10.37
N TRP A 273 11.50 -28.29 10.20
CA TRP A 273 10.56 -28.55 11.29
C TRP A 273 11.26 -29.23 12.47
N GLU A 274 11.00 -28.73 13.67
CA GLU A 274 11.59 -29.27 14.90
C GLU A 274 10.54 -29.91 15.84
N PRO A 275 10.36 -31.24 15.73
CA PRO A 275 9.39 -31.98 16.55
C PRO A 275 9.45 -31.66 18.04
N ILE B 1 -16.83 -0.64 -13.24
CA ILE B 1 -15.42 -1.14 -13.22
C ILE B 1 -14.99 -1.44 -11.78
N GLN B 2 -15.11 -2.69 -11.38
CA GLN B 2 -14.89 -3.01 -9.98
C GLN B 2 -13.86 -4.10 -9.74
N LYS B 3 -13.17 -3.97 -8.61
CA LYS B 3 -12.25 -5.00 -8.16
C LYS B 3 -12.67 -5.50 -6.79
N THR B 4 -12.76 -6.83 -6.66
CA THR B 4 -13.02 -7.48 -5.38
C THR B 4 -11.80 -7.33 -4.47
N PRO B 5 -12.02 -6.98 -3.20
CA PRO B 5 -10.91 -6.92 -2.25
C PRO B 5 -10.37 -8.29 -1.86
N GLN B 6 -9.05 -8.35 -1.66
CA GLN B 6 -8.44 -9.50 -1.02
C GLN B 6 -8.32 -9.20 0.47
N ILE B 7 -8.42 -10.24 1.28
CA ILE B 7 -8.47 -10.09 2.74
C ILE B 7 -7.49 -11.04 3.44
N GLN B 8 -6.69 -10.49 4.35
CA GLN B 8 -5.83 -11.26 5.23
C GLN B 8 -6.13 -10.86 6.66
N VAL B 9 -6.45 -11.85 7.51
CA VAL B 9 -6.64 -11.61 8.93
C VAL B 9 -5.57 -12.35 9.71
N TYR B 10 -4.85 -11.60 10.53
CA TYR B 10 -3.66 -12.10 11.21
C TYR B 10 -3.29 -11.21 12.39
N SER B 11 -2.62 -11.79 13.38
CA SER B 11 -2.08 -11.02 14.50
C SER B 11 -0.77 -10.33 14.13
N ARG B 12 -0.44 -9.29 14.88
CA ARG B 12 0.85 -8.61 14.76
C ARG B 12 1.99 -9.49 15.26
N HIS B 13 1.78 -10.17 16.39
CA HIS B 13 2.79 -11.01 17.03
C HIS B 13 2.34 -12.47 17.05
N PRO B 14 3.30 -13.41 17.28
CA PRO B 14 2.94 -14.81 17.48
C PRO B 14 1.94 -14.96 18.62
N PRO B 15 0.77 -15.54 18.35
CA PRO B 15 -0.34 -15.63 19.31
C PRO B 15 -0.12 -16.67 20.40
N GLU B 16 -0.34 -16.25 21.63
CA GLU B 16 -0.31 -17.14 22.78
C GLU B 16 -1.58 -16.76 23.53
N ASN B 17 -2.30 -17.76 24.02
CA ASN B 17 -3.57 -17.52 24.70
C ASN B 17 -3.42 -16.80 26.05
N GLY B 18 -4.35 -15.89 26.34
CA GLY B 18 -4.35 -15.09 27.57
C GLY B 18 -3.49 -13.82 27.51
N LYS B 19 -2.69 -13.71 26.45
CA LYS B 19 -1.76 -12.60 26.28
C LYS B 19 -2.21 -11.64 25.18
N PRO B 20 -2.29 -10.33 25.50
CA PRO B 20 -2.70 -9.28 24.54
C PRO B 20 -1.81 -9.18 23.31
N ASN B 21 -2.41 -8.81 22.19
CA ASN B 21 -1.75 -8.74 20.89
C ASN B 21 -2.55 -7.73 20.07
N ILE B 22 -2.25 -7.62 18.79
CA ILE B 22 -3.00 -6.76 17.88
C ILE B 22 -3.48 -7.53 16.65
N LEU B 23 -4.79 -7.48 16.40
CA LEU B 23 -5.41 -8.18 15.28
C LEU B 23 -5.47 -7.26 14.07
N ASN B 24 -4.92 -7.71 12.96
CA ASN B 24 -4.88 -6.92 11.74
C ASN B 24 -5.90 -7.42 10.70
N CYS B 25 -6.25 -6.53 9.77
CA CYS B 25 -7.09 -6.88 8.65
C CYS B 25 -6.64 -6.06 7.44
N TYR B 26 -5.76 -6.66 6.65
CA TYR B 26 -5.17 -6.03 5.49
C TYR B 26 -6.10 -6.25 4.31
N VAL B 27 -6.77 -5.19 3.88
CA VAL B 27 -7.68 -5.26 2.74
C VAL B 27 -7.01 -4.62 1.53
N THR B 28 -6.94 -5.35 0.42
CA THR B 28 -6.17 -4.92 -0.75
C THR B 28 -6.86 -5.16 -2.08
N GLN B 29 -6.26 -4.61 -3.13
CA GLN B 29 -6.67 -4.86 -4.53
C GLN B 29 -8.12 -4.53 -4.87
N PHE B 30 -8.61 -3.40 -4.35
CA PHE B 30 -10.03 -3.05 -4.53
C PHE B 30 -10.29 -1.70 -5.19
N HIS B 31 -11.45 -1.62 -5.82
CA HIS B 31 -11.99 -0.39 -6.41
C HIS B 31 -13.49 -0.62 -6.60
N PRO B 32 -14.34 0.37 -6.23
CA PRO B 32 -14.09 1.75 -5.74
C PRO B 32 -13.43 1.83 -4.36
N PRO B 33 -13.00 3.05 -3.93
CA PRO B 33 -12.28 3.22 -2.67
C PRO B 33 -13.13 3.12 -1.39
N HIS B 34 -14.43 3.40 -1.49
CA HIS B 34 -15.33 3.31 -0.33
C HIS B 34 -15.49 1.86 0.09
N ILE B 35 -15.25 1.62 1.37
CA ILE B 35 -15.32 0.27 1.92
C ILE B 35 -15.75 0.36 3.38
N GLU B 36 -16.46 -0.65 3.84
CA GLU B 36 -16.87 -0.72 5.24
C GLU B 36 -16.27 -1.98 5.84
N ILE B 37 -15.47 -1.80 6.88
CA ILE B 37 -14.74 -2.92 7.49
C ILE B 37 -15.03 -3.01 9.00
N GLN B 38 -15.26 -4.23 9.47
CA GLN B 38 -15.59 -4.46 10.87
C GLN B 38 -14.84 -5.68 11.37
N MET B 39 -14.30 -5.58 12.57
CA MET B 39 -13.60 -6.69 13.20
C MET B 39 -14.38 -7.16 14.42
N LEU B 40 -14.54 -8.48 14.56
CA LEU B 40 -15.49 -9.05 15.51
C LEU B 40 -14.90 -10.06 16.51
N LYS B 41 -15.45 -10.05 17.72
CA LYS B 41 -15.16 -11.08 18.70
C LYS B 41 -16.46 -11.84 18.97
N ASN B 42 -16.51 -13.08 18.47
CA ASN B 42 -17.69 -13.93 18.57
C ASN B 42 -18.93 -13.30 17.93
N GLY B 43 -18.74 -12.64 16.79
CA GLY B 43 -19.83 -12.03 16.05
C GLY B 43 -20.24 -10.65 16.50
N LYS B 44 -19.59 -10.13 17.54
CA LYS B 44 -19.88 -8.78 18.01
C LYS B 44 -18.72 -7.83 17.67
N LYS B 45 -19.07 -6.63 17.20
CA LYS B 45 -18.09 -5.62 16.81
C LYS B 45 -17.12 -5.26 17.94
N ILE B 46 -15.83 -5.27 17.62
CA ILE B 46 -14.80 -4.87 18.58
C ILE B 46 -14.71 -3.34 18.56
N PRO B 47 -14.72 -2.70 19.75
CA PRO B 47 -14.66 -1.24 19.79
C PRO B 47 -13.26 -0.70 19.43
N LYS B 48 -13.21 0.59 19.08
CA LYS B 48 -11.97 1.30 18.74
C LYS B 48 -11.12 0.58 17.71
N VAL B 49 -11.62 0.56 16.47
CA VAL B 49 -10.94 -0.07 15.36
C VAL B 49 -10.15 0.99 14.59
N GLU B 50 -8.85 1.03 14.82
CA GLU B 50 -8.01 2.07 14.24
C GLU B 50 -7.74 1.78 12.76
N MET B 51 -8.03 2.77 11.91
CA MET B 51 -7.87 2.60 10.48
C MET B 51 -6.54 3.21 10.07
N SER B 52 -5.58 2.35 9.72
CA SER B 52 -4.19 2.77 9.58
C SER B 52 -3.99 3.79 8.47
N ASP B 53 -4.46 3.47 7.26
CA ASP B 53 -4.16 4.29 6.07
C ASP B 53 -4.96 3.93 4.82
N MET B 54 -5.80 4.84 4.35
CA MET B 54 -6.33 4.67 3.01
C MET B 54 -5.19 4.99 2.05
N SER B 55 -4.91 4.07 1.13
CA SER B 55 -3.96 4.32 0.05
C SER B 55 -4.22 3.41 -1.15
N PHE B 56 -3.41 3.55 -2.19
CA PHE B 56 -3.50 2.70 -3.37
C PHE B 56 -2.12 2.29 -3.86
N SER B 57 -2.05 1.27 -4.70
CA SER B 57 -0.77 0.74 -5.17
C SER B 57 -0.46 1.16 -6.62
N LYS B 58 0.60 0.57 -7.18
CA LYS B 58 1.09 0.88 -8.53
C LYS B 58 0.04 0.62 -9.61
N ASP B 59 -0.82 -0.38 -9.41
CA ASP B 59 -1.88 -0.72 -10.36
C ASP B 59 -3.20 0.05 -10.17
N TRP B 60 -3.18 1.04 -9.27
CA TRP B 60 -4.32 1.93 -8.97
C TRP B 60 -5.35 1.33 -8.01
N SER B 61 -5.20 0.05 -7.67
CA SER B 61 -6.12 -0.59 -6.76
C SER B 61 -5.79 -0.16 -5.34
N PHE B 62 -6.84 0.10 -4.55
CA PHE B 62 -6.70 0.69 -3.23
C PHE B 62 -6.39 -0.37 -2.17
N TYR B 63 -5.80 0.08 -1.06
CA TYR B 63 -5.60 -0.78 0.09
C TYR B 63 -5.82 -0.02 1.39
N ILE B 64 -5.98 -0.78 2.48
CA ILE B 64 -6.18 -0.23 3.83
C ILE B 64 -5.85 -1.28 4.91
N LEU B 65 -5.39 -0.83 6.07
CA LEU B 65 -5.16 -1.72 7.21
C LEU B 65 -6.03 -1.39 8.42
N ALA B 66 -6.98 -2.26 8.72
CA ALA B 66 -7.76 -2.15 9.95
C ALA B 66 -7.11 -3.00 11.04
N HIS B 67 -7.02 -2.44 12.24
CA HIS B 67 -6.42 -3.14 13.38
C HIS B 67 -7.05 -2.69 14.67
N THR B 68 -7.12 -3.63 15.62
CA THR B 68 -7.64 -3.37 16.96
C THR B 68 -6.85 -4.22 17.95
N GLU B 69 -7.07 -3.99 19.24
CA GLU B 69 -6.46 -4.83 20.25
C GLU B 69 -7.35 -6.05 20.52
N PHE B 70 -6.73 -7.21 20.68
CA PHE B 70 -7.45 -8.43 21.02
C PHE B 70 -6.65 -9.33 21.96
N THR B 71 -7.36 -10.13 22.74
CA THR B 71 -6.74 -11.13 23.60
C THR B 71 -7.09 -12.52 23.06
N PRO B 72 -6.15 -13.14 22.33
CA PRO B 72 -6.30 -14.50 21.84
C PRO B 72 -6.64 -15.46 22.96
N THR B 73 -7.65 -16.30 22.76
CA THR B 73 -7.96 -17.39 23.69
C THR B 73 -8.19 -18.70 22.94
N GLU B 74 -8.48 -19.75 23.70
CA GLU B 74 -8.74 -21.06 23.16
C GLU B 74 -10.09 -21.14 22.43
N THR B 75 -11.12 -20.47 22.98
CA THR B 75 -12.49 -20.62 22.48
C THR B 75 -13.14 -19.35 21.93
N ASP B 76 -12.41 -18.24 21.88
CA ASP B 76 -12.95 -17.03 21.23
C ASP B 76 -12.61 -16.98 19.74
N THR B 77 -13.55 -16.47 18.97
CA THR B 77 -13.40 -16.37 17.53
C THR B 77 -13.27 -14.90 17.16
N TYR B 78 -12.46 -14.64 16.14
CA TYR B 78 -12.23 -13.30 15.65
C TYR B 78 -12.35 -13.28 14.15
N ALA B 79 -12.90 -12.19 13.62
CA ALA B 79 -13.17 -12.06 12.18
C ALA B 79 -13.12 -10.62 11.69
N CYS B 80 -13.02 -10.48 10.37
CA CYS B 80 -13.08 -9.19 9.71
C CYS B 80 -14.16 -9.27 8.64
N ARG B 81 -15.25 -8.53 8.83
CA ARG B 81 -16.30 -8.42 7.83
C ARG B 81 -16.09 -7.19 6.93
N VAL B 82 -16.14 -7.43 5.63
CA VAL B 82 -15.93 -6.38 4.65
C VAL B 82 -17.15 -6.29 3.72
N LYS B 83 -17.72 -5.10 3.65
CA LYS B 83 -18.74 -4.75 2.67
C LYS B 83 -18.11 -3.83 1.62
N HIS B 84 -18.35 -4.15 0.35
CA HIS B 84 -17.79 -3.38 -0.76
C HIS B 84 -18.57 -3.64 -2.06
N ASP B 85 -18.91 -2.56 -2.76
CA ASP B 85 -19.64 -2.57 -4.03
C ASP B 85 -19.47 -3.82 -4.89
N SER B 86 -18.22 -4.28 -5.03
CA SER B 86 -17.87 -5.48 -5.83
C SER B 86 -18.54 -6.77 -5.38
N MET B 87 -18.89 -6.84 -4.10
CA MET B 87 -19.51 -8.03 -3.52
C MET B 87 -21.00 -7.82 -3.31
N ALA B 88 -21.79 -8.81 -3.72
CA ALA B 88 -23.24 -8.79 -3.59
C ALA B 88 -23.68 -8.99 -2.15
N GLU B 89 -22.75 -9.50 -1.33
CA GLU B 89 -23.00 -9.81 0.07
C GLU B 89 -21.73 -9.53 0.90
N PRO B 90 -21.90 -9.03 2.14
CA PRO B 90 -20.75 -8.87 3.03
C PRO B 90 -19.92 -10.14 3.13
N LYS B 91 -18.60 -10.01 3.02
CA LYS B 91 -17.71 -11.15 3.20
C LYS B 91 -17.11 -11.14 4.60
N THR B 92 -17.01 -12.32 5.21
CA THR B 92 -16.48 -12.48 6.56
C THR B 92 -15.33 -13.48 6.56
N VAL B 93 -14.15 -13.01 6.96
CA VAL B 93 -12.96 -13.85 6.99
C VAL B 93 -12.50 -14.04 8.44
N TYR B 94 -12.47 -15.29 8.87
CA TYR B 94 -12.10 -15.60 10.24
C TYR B 94 -10.61 -15.64 10.45
N TRP B 95 -10.19 -15.28 11.66
CA TRP B 95 -8.81 -15.40 12.06
C TRP B 95 -8.43 -16.85 12.33
N ASP B 96 -7.33 -17.27 11.73
CA ASP B 96 -6.75 -18.60 11.97
C ASP B 96 -5.28 -18.44 12.38
N ARG B 97 -4.98 -18.92 13.58
CA ARG B 97 -3.67 -18.72 14.20
C ARG B 97 -2.52 -19.44 13.49
N ASP B 98 -2.82 -20.15 12.42
CA ASP B 98 -1.80 -20.83 11.62
C ASP B 98 -1.62 -20.12 10.28
N MET B 99 -2.33 -19.00 10.12
CA MET B 99 -2.31 -18.22 8.88
C MET B 99 -1.86 -16.80 9.19
N LEU C 1 8.69 16.99 -1.02
CA LEU C 1 7.86 18.20 -1.27
C LEU C 1 6.76 17.93 -2.30
N SER C 2 5.56 18.43 -2.01
CA SER C 2 4.36 18.25 -2.83
C SER C 2 4.48 18.90 -4.22
N LEU C 3 3.70 18.41 -5.18
CA LEU C 3 3.65 18.97 -6.53
C LEU C 3 2.28 19.59 -6.80
N ARG C 4 2.27 20.73 -7.51
CA ARG C 4 1.01 21.38 -7.87
C ARG C 4 0.76 21.35 -9.38
N ASN C 5 -0.43 20.86 -9.75
CA ASN C 5 -0.81 20.70 -11.16
C ASN C 5 -1.01 22.03 -11.87
N PRO C 6 -0.27 22.24 -12.97
CA PRO C 6 -0.28 23.51 -13.70
C PRO C 6 -1.56 23.76 -14.50
N ILE C 7 -2.04 22.73 -15.21
CA ILE C 7 -3.16 22.87 -16.14
C ILE C 7 -4.22 21.80 -15.91
N LEU C 8 -5.48 22.21 -15.99
CA LEU C 8 -6.62 21.34 -15.76
C LEU C 8 -6.79 20.28 -16.84
N VAL C 9 -7.41 19.17 -16.45
CA VAL C 9 -7.68 18.05 -17.35
C VAL C 9 -8.64 18.50 -18.45
#